data_3S3E
#
_entry.id   3S3E
#
_cell.length_a   102.460
_cell.length_b   102.460
_cell.length_c   171.842
_cell.angle_alpha   90.00
_cell.angle_beta   90.00
_cell.angle_gamma   120.00
#
_symmetry.space_group_name_H-M   'P 31 2 1'
#
loop_
_entity.id
_entity.type
_entity.pdbx_description
1 polymer 'Tyrosine-protein phosphatase 10D'
2 non-polymer 'ISOPROPYL ALCOHOL'
3 non-polymer 1-BUTANOL
4 non-polymer 1,4-BUTANEDIOL
5 water water
#
_entity_poly.entity_id   1
_entity_poly.type   'polypeptide(L)'
_entity_poly.pdbx_seq_one_letter_code
;MGSSHHHHHHSSGLVPRGSHMASRPILIKNFAEHYRLMSADSDFRFSEEFEELKHVGRDQPCTFADLPCNRPKNRFTNIL
PYDHSRFKLQPVDDDEGSDYINANYVPGHNSPREFIVTQGPLHSTRDDFWRMCWESNSRAIVMLTRCFEKGREKCDQYWP
NDTVPVFYGDIKVQILNDSHYADWVMTEFMLCRGSEQRILRHFHFTTWPDFGVPNPPQTLVRFVRAFRDRIGAEQRPIVV
HCSAGVGRSGTFITLDRILQQINTSDYVDIFGIVYAMRKERVWMVQTEQQYICIHQCLLAVLEGKEN
;
_entity_poly.pdbx_strand_id   A,B
#
# COMPACT_ATOMS: atom_id res chain seq x y z
N SER A 19 38.97 -8.37 22.65
CA SER A 19 37.86 -8.75 21.76
C SER A 19 38.18 -8.21 20.37
N HIS A 20 38.11 -9.07 19.36
CA HIS A 20 38.76 -8.80 18.09
C HIS A 20 37.93 -9.17 16.86
N MET A 21 37.10 -10.21 16.96
CA MET A 21 36.32 -10.65 15.79
C MET A 21 35.10 -9.78 15.48
N ALA A 22 34.28 -9.51 16.49
CA ALA A 22 33.05 -8.74 16.30
C ALA A 22 33.10 -7.39 17.01
N SER A 23 34.30 -6.85 17.17
CA SER A 23 34.51 -5.61 17.90
C SER A 23 35.85 -4.98 17.52
N ARG A 24 35.85 -3.70 17.19
CA ARG A 24 37.08 -2.93 17.04
C ARG A 24 36.97 -1.64 17.85
N PRO A 25 37.17 -1.73 19.17
CA PRO A 25 37.06 -0.54 20.01
C PRO A 25 38.19 0.42 19.71
N ILE A 26 37.86 1.71 19.62
CA ILE A 26 38.85 2.74 19.37
C ILE A 26 38.82 3.75 20.51
N LEU A 27 39.98 4.06 21.07
CA LEU A 27 40.08 5.08 22.12
C LEU A 27 39.74 6.44 21.51
N ILE A 28 38.76 7.12 22.11
CA ILE A 28 38.26 8.39 21.59
C ILE A 28 39.36 9.41 21.35
N LYS A 29 40.33 9.48 22.26
CA LYS A 29 41.43 10.42 22.12
C LYS A 29 42.37 10.09 20.95
N ASN A 30 42.28 8.87 20.44
CA ASN A 30 43.08 8.44 19.28
C ASN A 30 42.28 8.35 17.98
N PHE A 31 41.07 8.90 17.99
CA PHE A 31 40.15 8.70 16.87
C PHE A 31 40.60 9.36 15.57
N ALA A 32 41.14 10.58 15.68
CA ALA A 32 41.68 11.29 14.52
C ALA A 32 42.79 10.49 13.81
N GLU A 33 43.70 9.92 14.59
CA GLU A 33 44.74 9.04 14.07
C GLU A 33 44.15 7.80 13.39
N HIS A 34 43.22 7.14 14.07
CA HIS A 34 42.57 5.96 13.54
C HIS A 34 41.91 6.27 12.21
N TYR A 35 41.18 7.38 12.13
CA TYR A 35 40.58 7.82 10.86
C TYR A 35 41.61 7.98 9.76
N ARG A 36 42.69 8.71 10.05
CA ARG A 36 43.73 8.99 9.08
C ARG A 36 44.36 7.68 8.58
N LEU A 37 44.59 6.77 9.52
CA LEU A 37 45.12 5.44 9.25
C LEU A 37 44.16 4.58 8.40
N MET A 38 42.87 4.66 8.70
CA MET A 38 41.85 3.88 7.98
C MET A 38 41.56 4.43 6.58
N SER A 39 41.68 5.74 6.41
CA SER A 39 41.35 6.39 5.15
C SER A 39 42.56 6.53 4.21
N ALA A 40 43.75 6.22 4.71
CA ALA A 40 44.95 6.31 3.89
C ALA A 40 44.88 5.34 2.73
N ASP A 41 45.56 5.69 1.64
CA ASP A 41 45.65 4.84 0.46
C ASP A 41 44.27 4.51 -0.10
N SER A 42 43.48 5.56 -0.35
CA SER A 42 42.12 5.45 -0.86
C SER A 42 41.28 4.48 -0.04
N ASP A 43 41.30 4.69 1.28
CA ASP A 43 40.46 3.95 2.24
C ASP A 43 40.72 2.45 2.28
N PHE A 44 41.96 2.05 2.02
CA PHE A 44 42.34 0.64 2.00
C PHE A 44 41.86 -0.13 3.23
N ARG A 45 42.22 0.37 4.42
CA ARG A 45 41.88 -0.28 5.69
C ARG A 45 40.38 -0.22 5.98
N PHE A 46 39.74 0.90 5.65
CA PHE A 46 38.29 1.02 5.77
C PHE A 46 37.57 -0.02 4.93
N SER A 47 38.05 -0.19 3.68
CA SER A 47 37.48 -1.13 2.73
C SER A 47 37.66 -2.55 3.23
N GLU A 48 38.88 -2.87 3.67
CA GLU A 48 39.20 -4.16 4.24
C GLU A 48 38.29 -4.46 5.43
N GLU A 49 38.14 -3.49 6.33
CA GLU A 49 37.35 -3.66 7.54
C GLU A 49 35.87 -3.88 7.25
N PHE A 50 35.30 -3.09 6.35
CA PHE A 50 33.88 -3.20 5.99
C PHE A 50 33.55 -4.51 5.27
N GLU A 51 34.51 -4.99 4.50
CA GLU A 51 34.40 -6.25 3.77
C GLU A 51 34.33 -7.46 4.74
N GLU A 52 34.93 -7.34 5.92
CA GLU A 52 34.86 -8.40 6.95
C GLU A 52 33.43 -8.68 7.40
N LEU A 53 32.55 -7.70 7.23
CA LEU A 53 31.18 -7.80 7.70
C LEU A 53 30.21 -8.45 6.71
N LYS A 54 30.64 -8.64 5.47
CA LYS A 54 29.69 -8.95 4.38
C LYS A 54 28.80 -10.18 4.58
N HIS A 55 29.29 -11.19 5.29
CA HIS A 55 28.52 -12.43 5.48
C HIS A 55 27.75 -12.46 6.80
N VAL A 56 28.05 -11.51 7.68
CA VAL A 56 27.50 -11.52 9.04
C VAL A 56 25.98 -11.64 9.06
N GLY A 57 25.49 -12.71 9.70
CA GLY A 57 24.06 -12.92 9.89
C GLY A 57 23.32 -13.51 8.72
N ARG A 58 24.00 -13.70 7.60
CA ARG A 58 23.34 -14.11 6.36
C ARG A 58 22.98 -15.60 6.29
N ASP A 59 23.49 -16.39 7.24
CA ASP A 59 23.13 -17.80 7.36
C ASP A 59 21.78 -18.02 8.07
N GLN A 60 21.19 -16.95 8.58
CA GLN A 60 19.95 -17.05 9.35
C GLN A 60 18.71 -17.09 8.45
N PRO A 61 17.72 -17.93 8.80
CA PRO A 61 16.51 -18.11 7.97
C PRO A 61 15.56 -16.90 7.92
N CYS A 62 14.93 -16.73 6.75
CA CYS A 62 13.92 -15.70 6.50
C CYS A 62 12.64 -16.36 5.99
N THR A 63 12.18 -17.36 6.71
CA THR A 63 11.10 -18.24 6.26
C THR A 63 9.79 -17.49 6.00
N PHE A 64 9.35 -16.70 6.97
CA PHE A 64 8.05 -16.04 6.87
C PHE A 64 8.00 -15.00 5.77
N ALA A 65 9.10 -14.27 5.61
CA ALA A 65 9.23 -13.26 4.56
C ALA A 65 9.03 -13.83 3.14
N ASP A 66 9.32 -15.12 2.97
CA ASP A 66 9.28 -15.75 1.65
C ASP A 66 8.01 -16.56 1.39
N LEU A 67 7.06 -16.51 2.31
CA LEU A 67 5.75 -17.12 2.10
C LEU A 67 5.03 -16.43 0.94
N PRO A 68 4.33 -17.21 0.10
CA PRO A 68 3.57 -16.62 -1.00
C PRO A 68 2.68 -15.45 -0.56
N CYS A 69 2.02 -15.59 0.58
CA CYS A 69 1.11 -14.55 1.08
C CYS A 69 1.85 -13.26 1.50
N ASN A 70 3.15 -13.37 1.78
CA ASN A 70 3.95 -12.24 2.23
C ASN A 70 4.83 -11.55 1.18
N ARG A 71 5.12 -12.24 0.08
CA ARG A 71 5.92 -11.67 -1.02
C ARG A 71 5.50 -10.26 -1.48
N PRO A 72 4.19 -9.97 -1.63
CA PRO A 72 3.78 -8.63 -2.04
C PRO A 72 4.09 -7.53 -1.02
N LYS A 73 4.49 -7.93 0.18
CA LYS A 73 4.70 -7.00 1.28
C LYS A 73 6.16 -6.52 1.38
N ASN A 74 7.01 -7.09 0.53
CA ASN A 74 8.42 -6.71 0.48
C ASN A 74 8.74 -5.85 -0.74
N ARG A 75 9.41 -4.73 -0.55
CA ARG A 75 9.84 -3.91 -1.69
C ARG A 75 10.85 -4.64 -2.58
N PHE A 76 11.78 -5.37 -1.94
CA PHE A 76 12.89 -6.04 -2.64
C PHE A 76 12.93 -7.51 -2.31
N THR A 77 13.24 -8.34 -3.30
CA THR A 77 13.28 -9.79 -3.06
C THR A 77 14.45 -10.20 -2.16
N ASN A 78 15.50 -9.39 -2.14
CA ASN A 78 16.71 -9.70 -1.36
C ASN A 78 16.83 -8.97 -0.01
N ILE A 79 15.88 -8.10 0.31
CA ILE A 79 15.84 -7.47 1.63
C ILE A 79 14.69 -8.08 2.44
N LEU A 80 15.01 -9.13 3.18
CA LEU A 80 13.99 -9.85 3.94
C LEU A 80 14.36 -9.87 5.41
N PRO A 81 13.36 -9.77 6.30
CA PRO A 81 13.61 -9.83 7.74
C PRO A 81 13.94 -11.25 8.23
N TYR A 82 14.99 -11.35 9.05
CA TYR A 82 15.29 -12.61 9.73
C TYR A 82 14.12 -13.02 10.61
N ASP A 83 13.88 -14.32 10.72
CA ASP A 83 12.80 -14.86 11.53
C ASP A 83 12.96 -14.58 13.01
N HIS A 84 14.16 -14.80 13.53
CA HIS A 84 14.42 -14.73 14.98
C HIS A 84 14.20 -13.32 15.51
N SER A 85 14.05 -12.39 14.59
CA SER A 85 14.31 -10.99 14.83
C SER A 85 13.16 -10.09 14.41
N ARG A 86 12.26 -10.63 13.59
CA ARG A 86 11.24 -9.85 12.92
C ARG A 86 10.18 -9.32 13.90
N PHE A 87 9.61 -8.16 13.59
CA PHE A 87 8.46 -7.67 14.35
C PHE A 87 7.23 -8.46 13.91
N LYS A 88 6.46 -8.94 14.88
CA LYS A 88 5.25 -9.69 14.60
C LYS A 88 4.02 -8.88 14.97
N LEU A 89 3.19 -8.61 13.98
CA LEU A 89 1.89 -7.99 14.23
C LEU A 89 0.96 -9.01 14.88
N GLN A 90 -0.06 -8.53 15.57
CA GLN A 90 -1.12 -9.42 16.07
C GLN A 90 -1.81 -10.07 14.88
N PRO A 91 -2.00 -11.39 14.93
CA PRO A 91 -2.66 -12.09 13.83
C PRO A 91 -4.16 -11.78 13.73
N VAL A 92 -4.65 -11.68 12.50
CA VAL A 92 -6.09 -11.69 12.21
C VAL A 92 -6.48 -13.12 11.86
N ASP A 93 -7.52 -13.62 12.54
CA ASP A 93 -7.85 -15.06 12.61
C ASP A 93 -8.00 -15.86 11.30
N ASP A 94 -8.34 -15.20 10.20
CA ASP A 94 -8.55 -15.93 8.93
C ASP A 94 -7.50 -15.63 7.86
N ASP A 95 -6.40 -15.00 8.25
CA ASP A 95 -5.40 -14.52 7.30
C ASP A 95 -4.03 -15.06 7.58
N GLU A 96 -3.40 -15.59 6.55
CA GLU A 96 -2.15 -16.32 6.69
C GLU A 96 -0.97 -15.54 7.27
N GLY A 97 -0.60 -14.43 6.64
CA GLY A 97 0.53 -13.68 7.11
C GLY A 97 0.15 -12.33 7.64
N SER A 98 -0.96 -12.29 8.34
CA SER A 98 -1.41 -11.04 8.95
C SER A 98 -0.47 -10.58 10.07
N ASP A 99 0.45 -11.46 10.48
CA ASP A 99 1.45 -11.12 11.50
C ASP A 99 2.71 -10.51 10.87
N TYR A 100 2.74 -10.46 9.54
CA TYR A 100 3.96 -10.12 8.83
C TYR A 100 4.11 -8.65 8.40
N ILE A 101 5.28 -8.10 8.68
CA ILE A 101 5.73 -6.82 8.13
C ILE A 101 7.24 -6.90 7.94
N ASN A 102 7.76 -6.22 6.92
CA ASN A 102 9.20 -6.21 6.68
C ASN A 102 9.92 -5.33 7.70
N ALA A 103 10.17 -5.89 8.87
CA ALA A 103 10.75 -5.12 9.97
C ALA A 103 11.45 -6.01 10.98
N ASN A 104 12.35 -5.55 11.68
CA ASN A 104 13.28 -6.22 12.58
C ASN A 104 13.61 -5.35 13.79
N TYR A 105 13.54 -5.90 14.96
CA TYR A 105 14.08 -5.30 16.15
C TYR A 105 15.59 -5.22 15.97
N VAL A 106 16.15 -4.03 16.20
CA VAL A 106 17.58 -3.80 16.08
C VAL A 106 18.11 -3.09 17.34
N PRO A 107 19.28 -3.52 17.86
CA PRO A 107 19.75 -2.97 19.13
C PRO A 107 20.19 -1.51 19.02
N GLY A 108 20.13 -0.80 20.14
CA GLY A 108 20.67 0.56 20.23
C GLY A 108 21.56 0.70 21.45
N HIS A 109 21.88 1.94 21.81
CA HIS A 109 22.70 2.23 22.98
C HIS A 109 22.01 1.79 24.28
N ASN A 110 20.69 1.98 24.34
CA ASN A 110 19.90 1.81 25.56
C ASN A 110 19.18 0.47 25.74
N SER A 111 18.97 -0.25 24.64
CA SER A 111 18.16 -1.47 24.68
C SER A 111 18.51 -2.39 23.51
N PRO A 112 18.48 -3.72 23.74
CA PRO A 112 18.64 -4.65 22.62
C PRO A 112 17.48 -4.59 21.64
N ARG A 113 16.33 -4.03 22.06
CA ARG A 113 15.15 -3.82 21.20
C ARG A 113 14.79 -2.34 21.07
N GLU A 114 15.80 -1.46 21.09
CA GLU A 114 15.58 0.00 21.03
C GLU A 114 14.90 0.47 19.73
N PHE A 115 15.28 -0.15 18.62
CA PHE A 115 14.77 0.24 17.32
C PHE A 115 13.98 -0.86 16.66
N ILE A 116 12.94 -0.48 15.93
CA ILE A 116 12.35 -1.34 14.93
C ILE A 116 12.69 -0.72 13.60
N VAL A 117 13.51 -1.39 12.81
CA VAL A 117 13.80 -0.88 11.48
C VAL A 117 13.07 -1.62 10.37
N THR A 118 12.50 -0.83 9.47
CA THR A 118 11.56 -1.33 8.50
C THR A 118 11.81 -0.65 7.16
N GLN A 119 11.22 -1.17 6.10
CA GLN A 119 11.34 -0.55 4.79
C GLN A 119 10.39 0.66 4.75
N GLY A 120 10.60 1.57 3.81
CA GLY A 120 9.57 2.58 3.52
C GLY A 120 8.30 1.87 3.10
N PRO A 121 7.16 2.19 3.73
CA PRO A 121 5.95 1.45 3.40
C PRO A 121 5.58 1.57 1.93
N LEU A 122 5.02 0.49 1.39
CA LEU A 122 4.30 0.55 0.12
C LEU A 122 2.91 1.04 0.47
N HIS A 123 2.17 1.52 -0.53
CA HIS A 123 0.77 1.88 -0.31
C HIS A 123 0.02 0.68 0.28
N SER A 124 0.36 -0.49 -0.23
CA SER A 124 -0.20 -1.78 0.20
C SER A 124 0.12 -2.17 1.66
N THR A 125 1.19 -1.61 2.22
CA THR A 125 1.63 -2.01 3.58
C THR A 125 1.57 -0.90 4.64
N ARG A 126 1.02 0.26 4.29
CA ARG A 126 1.05 1.39 5.21
C ARG A 126 0.10 1.22 6.41
N ASP A 127 -0.99 0.47 6.22
CA ASP A 127 -1.87 0.05 7.33
C ASP A 127 -1.13 -0.87 8.31
N ASP A 128 -0.40 -1.84 7.78
CA ASP A 128 0.48 -2.69 8.58
C ASP A 128 1.50 -1.85 9.34
N PHE A 129 2.08 -0.87 8.65
CA PHE A 129 3.08 0.02 9.25
C PHE A 129 2.51 0.75 10.48
N TRP A 130 1.38 1.40 10.30
CA TRP A 130 0.73 2.12 11.41
C TRP A 130 0.33 1.18 12.56
N ARG A 131 -0.15 -0.01 12.21
CA ARG A 131 -0.49 -1.01 13.22
C ARG A 131 0.73 -1.47 14.00
N MET A 132 1.86 -1.59 13.32
CA MET A 132 3.13 -1.86 13.98
C MET A 132 3.52 -0.74 14.95
N CYS A 133 3.39 0.50 14.50
CA CYS A 133 3.63 1.67 15.35
C CYS A 133 2.78 1.58 16.62
N TRP A 134 1.48 1.28 16.46
CA TRP A 134 0.56 1.16 17.58
C TRP A 134 0.89 0.00 18.49
N GLU A 135 1.03 -1.20 17.91
CA GLU A 135 1.21 -2.41 18.72
C GLU A 135 2.56 -2.44 19.42
N SER A 136 3.56 -1.78 18.84
CA SER A 136 4.88 -1.69 19.44
C SER A 136 4.94 -0.63 20.54
N ASN A 137 3.90 0.20 20.61
CA ASN A 137 3.81 1.34 21.54
C ASN A 137 4.86 2.42 21.21
N SER A 138 5.24 2.50 19.94
CA SER A 138 6.27 3.45 19.51
C SER A 138 5.77 4.87 19.57
N ARG A 139 6.63 5.77 20.02
CA ARG A 139 6.27 7.19 20.08
C ARG A 139 7.16 8.04 19.17
N ALA A 140 7.89 7.38 18.26
CA ALA A 140 8.83 8.06 17.37
C ALA A 140 9.13 7.30 16.08
N ILE A 141 9.07 8.02 14.97
CA ILE A 141 9.44 7.49 13.67
C ILE A 141 10.55 8.35 13.10
N VAL A 142 11.56 7.69 12.58
CA VAL A 142 12.64 8.35 11.87
C VAL A 142 12.61 7.93 10.41
N MET A 143 12.45 8.92 9.53
CA MET A 143 12.38 8.70 8.10
C MET A 143 13.56 9.38 7.42
N LEU A 144 14.34 8.59 6.68
CA LEU A 144 15.61 9.07 6.14
C LEU A 144 15.64 9.11 4.63
N THR A 145 14.47 9.15 4.02
CA THR A 145 14.37 9.22 2.58
C THR A 145 13.31 10.24 2.19
N ARG A 146 13.40 10.74 0.97
CA ARG A 146 12.27 11.43 0.35
C ARG A 146 11.39 10.35 -0.28
N CYS A 147 10.10 10.62 -0.40
CA CYS A 147 9.18 9.71 -1.09
C CYS A 147 9.62 9.44 -2.53
N PHE A 148 10.10 10.48 -3.22
CA PHE A 148 10.62 10.35 -4.57
C PHE A 148 12.04 10.89 -4.69
N GLU A 149 12.90 10.07 -5.27
CA GLU A 149 14.30 10.42 -5.52
C GLU A 149 14.66 9.95 -6.92
N LYS A 150 15.24 10.86 -7.71
CA LYS A 150 15.54 10.64 -9.12
C LYS A 150 14.31 10.18 -9.91
N GLY A 151 13.12 10.60 -9.46
CA GLY A 151 11.86 10.22 -10.11
C GLY A 151 11.44 8.78 -9.87
N ARG A 152 12.03 8.13 -8.87
CA ARG A 152 11.65 6.77 -8.51
C ARG A 152 11.00 6.81 -7.14
N GLU A 153 9.92 6.04 -6.97
CA GLU A 153 9.22 5.95 -5.70
C GLU A 153 10.06 5.16 -4.71
N LYS A 154 10.45 5.80 -3.63
CA LYS A 154 11.24 5.16 -2.60
C LYS A 154 10.40 4.84 -1.37
N CYS A 155 9.33 5.61 -1.19
CA CYS A 155 8.45 5.45 -0.04
C CYS A 155 7.08 6.03 -0.35
N ASP A 156 6.01 5.30 -0.03
CA ASP A 156 4.67 5.86 -0.16
C ASP A 156 4.50 6.89 0.94
N GLN A 157 3.84 8.01 0.63
CA GLN A 157 3.54 8.95 1.70
C GLN A 157 2.41 8.40 2.55
N TYR A 158 2.77 7.95 3.76
CA TYR A 158 1.86 7.26 4.65
C TYR A 158 1.24 8.18 5.71
N TRP A 159 1.48 9.48 5.57
CA TRP A 159 1.00 10.44 6.55
C TRP A 159 0.25 11.59 5.87
N PRO A 160 -0.67 12.26 6.60
CA PRO A 160 -1.50 13.31 5.98
C PRO A 160 -0.72 14.54 5.47
N ASN A 161 -1.34 15.27 4.55
CA ASN A 161 -0.80 16.52 3.99
C ASN A 161 -1.26 17.75 4.75
N ASP A 162 -2.37 17.62 5.47
CA ASP A 162 -2.91 18.71 6.28
C ASP A 162 -3.35 18.19 7.64
N THR A 163 -4.14 19.00 8.34
CA THR A 163 -4.58 18.72 9.70
C THR A 163 -5.87 17.89 9.72
N VAL A 164 -6.36 17.53 8.53
CA VAL A 164 -7.52 16.66 8.40
C VAL A 164 -7.10 15.25 8.82
N PRO A 165 -7.74 14.70 9.86
CA PRO A 165 -7.41 13.35 10.33
C PRO A 165 -7.64 12.31 9.23
N VAL A 166 -6.74 11.33 9.16
CA VAL A 166 -6.83 10.26 8.17
C VAL A 166 -6.71 8.92 8.88
N PHE A 167 -7.61 7.99 8.56
CA PHE A 167 -7.56 6.64 9.10
C PHE A 167 -6.70 5.72 8.24
N TYR A 168 -5.83 4.94 8.90
CA TYR A 168 -5.09 3.87 8.25
C TYR A 168 -5.39 2.59 9.03
N GLY A 169 -6.19 1.72 8.43
CA GLY A 169 -6.79 0.60 9.17
C GLY A 169 -7.66 1.16 10.27
N ASP A 170 -7.48 0.65 11.49
CA ASP A 170 -8.18 1.15 12.67
C ASP A 170 -7.47 2.35 13.32
N ILE A 171 -6.33 2.74 12.76
CA ILE A 171 -5.51 3.80 13.37
C ILE A 171 -5.81 5.17 12.76
N LYS A 172 -6.28 6.09 13.61
CA LYS A 172 -6.52 7.46 13.21
C LYS A 172 -5.25 8.29 13.41
N VAL A 173 -4.82 8.97 12.36
CA VAL A 173 -3.64 9.81 12.42
C VAL A 173 -4.04 11.26 12.10
N GLN A 174 -3.61 12.18 12.98
CA GLN A 174 -3.85 13.60 12.76
C GLN A 174 -2.61 14.42 13.08
N ILE A 175 -2.30 15.40 12.24
CA ILE A 175 -1.17 16.29 12.48
C ILE A 175 -1.60 17.36 13.46
N LEU A 176 -0.84 17.51 14.55
CA LEU A 176 -1.06 18.56 15.52
C LEU A 176 -0.26 19.79 15.14
N ASN A 177 1.00 19.57 14.83
CA ASN A 177 1.88 20.63 14.34
C ASN A 177 3.08 20.04 13.64
N ASP A 178 3.77 20.88 12.87
CA ASP A 178 5.01 20.50 12.23
C ASP A 178 5.99 21.67 12.30
N SER A 179 7.28 21.36 12.18
CA SER A 179 8.33 22.37 12.22
C SER A 179 9.33 22.08 11.12
N HIS A 180 9.51 23.04 10.23
CA HIS A 180 10.38 22.90 9.08
C HIS A 180 11.76 23.48 9.37
N TYR A 181 12.79 22.67 9.16
CA TYR A 181 14.17 23.12 9.27
C TYR A 181 14.87 22.98 7.93
N ALA A 182 16.15 23.36 7.88
CA ALA A 182 16.93 23.32 6.65
C ALA A 182 17.00 21.90 6.07
N ASP A 183 17.23 20.91 6.94
CA ASP A 183 17.53 19.54 6.50
C ASP A 183 16.48 18.51 6.86
N TRP A 184 15.49 18.91 7.66
CA TRP A 184 14.48 17.98 8.14
C TRP A 184 13.18 18.64 8.58
N VAL A 185 12.12 17.83 8.63
CA VAL A 185 10.81 18.25 9.08
C VAL A 185 10.41 17.40 10.27
N MET A 186 10.03 18.08 11.35
CA MET A 186 9.50 17.43 12.54
C MET A 186 7.98 17.53 12.54
N THR A 187 7.30 16.39 12.61
CA THR A 187 5.84 16.36 12.65
C THR A 187 5.32 15.65 13.92
N GLU A 188 4.43 16.32 14.63
CA GLU A 188 3.78 15.73 15.80
C GLU A 188 2.39 15.19 15.43
N PHE A 189 2.20 13.90 15.65
CA PHE A 189 0.94 13.24 15.35
C PHE A 189 0.15 12.91 16.59
N MET A 190 -1.17 12.98 16.47
CA MET A 190 -2.05 12.32 17.41
C MET A 190 -2.40 10.98 16.78
N LEU A 191 -2.24 9.91 17.56
CA LEU A 191 -2.65 8.58 17.12
C LEU A 191 -3.79 8.11 18.00
N CYS A 192 -4.90 7.73 17.36
CA CYS A 192 -6.06 7.21 18.06
C CYS A 192 -6.49 5.85 17.54
N ARG A 193 -6.76 4.94 18.46
CA ARG A 193 -7.42 3.70 18.14
C ARG A 193 -8.53 3.44 19.15
N GLY A 194 -9.77 3.62 18.71
CA GLY A 194 -10.96 3.43 19.54
C GLY A 194 -10.91 4.12 20.90
N SER A 195 -10.67 5.42 20.90
CA SER A 195 -10.69 6.18 22.16
C SER A 195 -9.39 6.17 22.97
N GLU A 196 -8.50 5.21 22.66
CA GLU A 196 -7.14 5.20 23.20
C GLU A 196 -6.34 6.22 22.38
N GLN A 197 -5.49 7.00 23.05
CA GLN A 197 -4.89 8.17 22.42
C GLN A 197 -3.41 8.35 22.77
N ARG A 198 -2.59 8.68 21.78
CA ARG A 198 -1.17 8.87 21.95
C ARG A 198 -0.58 9.97 21.09
N ILE A 199 0.53 10.52 21.52
CA ILE A 199 1.28 11.39 20.68
C ILE A 199 2.50 10.69 20.14
N LEU A 200 2.72 10.80 18.83
CA LEU A 200 3.91 10.24 18.19
C LEU A 200 4.64 11.34 17.45
N ARG A 201 5.97 11.30 17.48
CA ARG A 201 6.80 12.27 16.76
C ARG A 201 7.51 11.68 15.54
N HIS A 202 7.53 12.45 14.46
CA HIS A 202 8.01 12.00 13.16
C HIS A 202 9.16 12.92 12.74
N PHE A 203 10.35 12.33 12.63
CA PHE A 203 11.57 13.03 12.29
C PHE A 203 11.97 12.65 10.87
N HIS A 204 11.72 13.55 9.93
CA HIS A 204 11.93 13.30 8.51
C HIS A 204 13.11 14.10 7.97
N PHE A 205 14.25 13.43 7.82
CA PHE A 205 15.44 13.99 7.18
C PHE A 205 15.18 14.04 5.68
N THR A 206 15.23 15.26 5.13
CA THR A 206 14.73 15.51 3.76
C THR A 206 15.86 15.82 2.77
N THR A 207 17.09 15.81 3.27
CA THR A 207 18.23 16.36 2.55
C THR A 207 19.25 15.33 2.00
N TRP A 208 19.08 14.06 2.35
CA TRP A 208 19.97 13.01 1.83
C TRP A 208 20.05 13.10 0.30
N PRO A 209 21.27 13.24 -0.26
CA PRO A 209 21.43 13.47 -1.70
C PRO A 209 21.05 12.25 -2.56
N ASP A 210 20.76 12.50 -3.83
CA ASP A 210 20.33 11.49 -4.78
C ASP A 210 21.30 10.33 -4.94
N PHE A 211 22.59 10.63 -4.81
CA PHE A 211 23.61 9.60 -4.75
C PHE A 211 24.63 9.96 -3.68
N GLY A 212 25.42 8.99 -3.26
CA GLY A 212 26.38 9.20 -2.19
C GLY A 212 25.74 9.43 -0.82
N VAL A 213 26.46 10.14 0.04
CA VAL A 213 26.05 10.39 1.43
C VAL A 213 26.05 11.88 1.73
N PRO A 214 25.39 12.32 2.82
CA PRO A 214 25.32 13.75 3.10
C PRO A 214 26.69 14.43 3.12
N ASN A 215 26.77 15.58 2.47
CA ASN A 215 28.02 16.31 2.33
C ASN A 215 27.71 17.80 2.44
N PRO A 216 28.17 18.46 3.52
CA PRO A 216 29.03 17.92 4.58
C PRO A 216 28.24 17.05 5.56
N PRO A 217 28.91 16.05 6.15
CA PRO A 217 28.31 15.13 7.13
C PRO A 217 27.60 15.84 8.30
N GLN A 218 28.05 17.03 8.66
CA GLN A 218 27.47 17.79 9.77
C GLN A 218 25.95 17.92 9.75
N THR A 219 25.35 17.95 8.56
CA THR A 219 23.89 18.02 8.43
C THR A 219 23.24 16.79 9.07
N LEU A 220 23.85 15.63 8.92
CA LEU A 220 23.31 14.42 9.49
C LEU A 220 23.47 14.39 11.02
N VAL A 221 24.63 14.86 11.50
CA VAL A 221 24.91 14.99 12.92
C VAL A 221 23.89 15.92 13.60
N ARG A 222 23.64 17.06 12.97
CA ARG A 222 22.67 18.03 13.47
C ARG A 222 21.30 17.38 13.67
N PHE A 223 20.91 16.54 12.70
CA PHE A 223 19.64 15.81 12.74
C PHE A 223 19.59 14.79 13.89
N VAL A 224 20.67 14.02 14.05
CA VAL A 224 20.79 13.05 15.13
C VAL A 224 20.74 13.73 16.51
N ARG A 225 21.46 14.84 16.64
CA ARG A 225 21.44 15.62 17.88
C ARG A 225 20.02 16.07 18.22
N ALA A 226 19.37 16.72 17.25
CA ALA A 226 18.02 17.22 17.43
C ALA A 226 17.02 16.11 17.75
N PHE A 227 17.18 14.97 17.08
CA PHE A 227 16.34 13.80 17.33
C PHE A 227 16.49 13.29 18.76
N ARG A 228 17.73 12.98 19.15
CA ARG A 228 18.02 12.40 20.45
C ARG A 228 17.70 13.38 21.58
N ASP A 229 17.99 14.66 21.35
CA ASP A 229 17.63 15.71 22.30
C ASP A 229 16.13 15.72 22.56
N ARG A 230 15.35 15.63 21.48
CA ARG A 230 13.90 15.72 21.57
C ARG A 230 13.25 14.47 22.16
N ILE A 231 13.78 13.30 21.84
CA ILE A 231 13.16 12.05 22.26
C ILE A 231 13.64 11.56 23.64
N GLY A 232 14.80 12.03 24.07
CA GLY A 232 15.38 11.63 25.34
C GLY A 232 15.77 10.16 25.35
N ALA A 233 15.60 9.52 26.50
CA ALA A 233 15.93 8.12 26.67
C ALA A 233 14.67 7.26 26.56
N GLU A 234 14.14 7.14 25.34
CA GLU A 234 12.94 6.35 25.07
C GLU A 234 13.11 4.89 25.48
N GLN A 235 12.09 4.38 26.16
CA GLN A 235 12.08 2.99 26.62
C GLN A 235 11.17 2.14 25.73
N ARG A 236 10.46 2.80 24.83
CA ARG A 236 9.62 2.13 23.84
C ARG A 236 10.33 2.17 22.50
N PRO A 237 10.08 1.17 21.63
CA PRO A 237 10.78 1.07 20.34
C PRO A 237 10.66 2.33 19.48
N ILE A 238 11.77 2.71 18.84
CA ILE A 238 11.78 3.81 17.88
C ILE A 238 11.77 3.20 16.48
N VAL A 239 10.78 3.58 15.67
CA VAL A 239 10.67 3.08 14.30
C VAL A 239 11.61 3.85 13.39
N VAL A 240 12.45 3.13 12.64
CA VAL A 240 13.38 3.74 11.71
C VAL A 240 13.22 3.15 10.32
N HIS A 241 13.12 4.01 9.32
CA HIS A 241 13.08 3.52 7.96
C HIS A 241 13.69 4.50 6.98
N CYS A 242 14.13 3.94 5.86
CA CYS A 242 14.52 4.71 4.71
C CYS A 242 13.75 4.11 3.53
N SER A 243 14.47 3.53 2.59
CA SER A 243 13.85 2.92 1.43
C SER A 243 13.71 1.42 1.66
N ALA A 244 14.84 0.73 1.63
CA ALA A 244 14.92 -0.70 1.88
C ALA A 244 14.94 -0.97 3.38
N GLY A 245 15.33 0.04 4.14
CA GLY A 245 15.42 -0.07 5.59
C GLY A 245 16.71 -0.71 6.07
N VAL A 246 17.82 -0.42 5.39
CA VAL A 246 19.11 -1.03 5.73
C VAL A 246 20.28 -0.05 5.73
N GLY A 247 20.42 0.72 4.66
CA GLY A 247 21.59 1.57 4.46
C GLY A 247 21.59 2.83 5.30
N ARG A 248 20.68 3.73 4.97
CA ARG A 248 20.57 5.01 5.68
C ARG A 248 20.13 4.79 7.12
N SER A 249 19.27 3.80 7.31
CA SER A 249 18.76 3.40 8.61
C SER A 249 19.88 2.95 9.54
N GLY A 250 20.77 2.10 9.02
CA GLY A 250 21.92 1.62 9.80
C GLY A 250 22.88 2.73 10.14
N THR A 251 23.10 3.61 9.17
CA THR A 251 23.97 4.77 9.32
C THR A 251 23.45 5.68 10.44
N PHE A 252 22.14 5.94 10.43
CA PHE A 252 21.51 6.79 11.46
C PHE A 252 21.64 6.19 12.86
N ILE A 253 21.35 4.89 12.97
CA ILE A 253 21.40 4.20 14.25
C ILE A 253 22.80 4.17 14.84
N THR A 254 23.79 3.86 13.99
CA THR A 254 25.17 3.77 14.44
C THR A 254 25.65 5.12 14.94
N LEU A 255 25.28 6.17 14.22
CA LEU A 255 25.68 7.52 14.57
C LEU A 255 24.98 7.97 15.84
N ASP A 256 23.67 7.70 15.96
CA ASP A 256 22.93 8.03 17.18
C ASP A 256 23.55 7.32 18.38
N ARG A 257 23.96 6.08 18.17
CA ARG A 257 24.49 5.25 19.24
C ARG A 257 25.84 5.77 19.72
N ILE A 258 26.74 6.05 18.79
CA ILE A 258 28.08 6.51 19.17
C ILE A 258 28.11 7.91 19.80
N LEU A 259 27.18 8.77 19.40
CA LEU A 259 27.07 10.09 20.01
C LEU A 259 26.64 10.01 21.47
N GLN A 260 25.93 8.94 21.83
CA GLN A 260 25.61 8.67 23.23
C GLN A 260 26.78 8.02 23.95
N GLN A 261 27.48 7.13 23.23
CA GLN A 261 28.58 6.34 23.77
C GLN A 261 29.72 7.23 24.27
N ILE A 262 30.03 8.29 23.51
CA ILE A 262 31.15 9.19 23.83
C ILE A 262 30.93 10.07 25.08
N ASN A 263 29.71 10.11 25.59
CA ASN A 263 29.41 10.82 26.84
C ASN A 263 29.75 9.99 28.08
N THR A 264 29.84 8.68 27.90
CA THR A 264 29.81 7.75 29.03
C THR A 264 31.01 6.80 29.04
N SER A 265 31.79 6.84 27.96
CA SER A 265 32.91 5.94 27.76
C SER A 265 34.04 6.71 27.09
N ASP A 266 35.24 6.15 27.12
CA ASP A 266 36.36 6.73 26.38
C ASP A 266 36.74 5.88 25.17
N TYR A 267 35.90 4.89 24.87
CA TYR A 267 36.07 4.05 23.68
C TYR A 267 34.83 4.11 22.80
N VAL A 268 35.02 3.92 21.50
CA VAL A 268 33.92 3.82 20.53
C VAL A 268 34.15 2.59 19.68
N ASP A 269 33.07 1.86 19.40
CA ASP A 269 33.17 0.62 18.65
C ASP A 269 32.15 0.57 17.49
N ILE A 270 32.46 1.28 16.42
CA ILE A 270 31.57 1.37 15.25
C ILE A 270 31.45 0.01 14.56
N PHE A 271 32.58 -0.66 14.33
CA PHE A 271 32.59 -2.03 13.80
C PHE A 271 31.66 -2.94 14.59
N GLY A 272 31.80 -2.93 15.91
CA GLY A 272 30.99 -3.75 16.81
C GLY A 272 29.51 -3.45 16.74
N ILE A 273 29.16 -2.17 16.60
CA ILE A 273 27.76 -1.77 16.42
C ILE A 273 27.20 -2.41 15.15
N VAL A 274 27.91 -2.20 14.04
CA VAL A 274 27.44 -2.66 12.73
C VAL A 274 27.33 -4.19 12.69
N TYR A 275 28.33 -4.87 13.25
CA TYR A 275 28.30 -6.32 13.38
C TYR A 275 27.03 -6.79 14.07
N ALA A 276 26.73 -6.21 15.23
CA ALA A 276 25.54 -6.60 16.00
C ALA A 276 24.25 -6.32 15.23
N MET A 277 24.21 -5.21 14.50
CA MET A 277 23.04 -4.87 13.69
C MET A 277 22.83 -5.84 12.54
N ARG A 278 23.93 -6.28 11.92
CA ARG A 278 23.86 -7.26 10.83
C ARG A 278 23.25 -8.57 11.29
N LYS A 279 23.45 -8.93 12.55
CA LYS A 279 22.87 -10.14 13.10
C LYS A 279 21.36 -10.06 13.16
N GLU A 280 20.83 -8.84 13.21
CA GLU A 280 19.40 -8.66 13.44
C GLU A 280 18.62 -8.29 12.18
N ARG A 281 19.30 -7.61 11.26
CA ARG A 281 18.71 -7.24 9.98
C ARG A 281 19.78 -7.21 8.91
N VAL A 282 19.43 -7.73 7.76
CA VAL A 282 20.30 -7.80 6.60
C VAL A 282 20.80 -6.41 6.19
N TRP A 283 22.06 -6.34 5.77
CA TRP A 283 22.69 -5.14 5.19
C TRP A 283 22.65 -3.83 5.98
N MET A 284 22.45 -3.88 7.25
CA MET A 284 22.35 -2.71 8.05
C MET A 284 23.31 -1.57 7.70
N VAL A 285 24.60 -1.62 7.81
CA VAL A 285 25.15 -0.42 7.12
C VAL A 285 25.54 -0.82 5.70
N GLN A 286 24.84 -0.34 4.71
CA GLN A 286 24.88 -0.98 3.39
C GLN A 286 26.11 -0.84 2.51
N THR A 287 26.65 0.34 2.48
CA THR A 287 27.81 0.62 1.65
C THR A 287 29.02 1.02 2.46
N GLU A 288 30.18 0.80 1.87
CA GLU A 288 31.47 1.23 2.40
C GLU A 288 31.48 2.76 2.62
N GLN A 289 30.86 3.49 1.69
CA GLN A 289 30.77 4.94 1.79
C GLN A 289 29.99 5.37 3.04
N GLN A 290 28.87 4.71 3.32
CA GLN A 290 28.09 4.98 4.52
C GLN A 290 28.88 4.67 5.80
N TYR A 291 29.62 3.57 5.76
CA TYR A 291 30.48 3.15 6.87
C TYR A 291 31.55 4.20 7.16
N ILE A 292 32.23 4.68 6.12
CA ILE A 292 33.22 5.74 6.28
C ILE A 292 32.55 7.03 6.76
N CYS A 293 31.33 7.29 6.28
CA CYS A 293 30.57 8.48 6.63
C CYS A 293 30.30 8.55 8.14
N ILE A 294 29.90 7.42 8.73
CA ILE A 294 29.75 7.29 10.18
C ILE A 294 31.01 7.81 10.90
N HIS A 295 32.17 7.36 10.43
CA HIS A 295 33.45 7.77 11.02
C HIS A 295 33.70 9.26 10.84
N GLN A 296 33.41 9.79 9.66
CA GLN A 296 33.59 11.23 9.42
C GLN A 296 32.69 12.07 10.32
N CYS A 297 31.46 11.62 10.54
CA CYS A 297 30.51 12.31 11.39
C CYS A 297 31.04 12.44 12.81
N LEU A 298 31.54 11.33 13.35
CA LEU A 298 32.10 11.33 14.70
C LEU A 298 33.38 12.17 14.78
N LEU A 299 34.19 12.10 13.73
CA LEU A 299 35.42 12.90 13.64
C LEU A 299 35.09 14.38 13.71
N ALA A 300 34.07 14.79 12.97
CA ALA A 300 33.60 16.17 13.02
C ALA A 300 33.13 16.56 14.44
N VAL A 301 32.52 15.62 15.15
CA VAL A 301 32.08 15.90 16.53
C VAL A 301 33.30 16.07 17.44
N LEU A 302 34.27 15.15 17.35
CA LEU A 302 35.43 15.15 18.22
C LEU A 302 36.39 16.31 17.95
N GLU A 303 36.27 16.92 16.77
CA GLU A 303 37.11 18.05 16.41
C GLU A 303 36.41 19.40 16.57
N GLY A 304 35.20 19.38 17.15
CA GLY A 304 34.40 20.60 17.31
C GLY A 304 33.94 21.19 15.99
N LYS A 305 33.64 20.30 15.03
CA LYS A 305 33.26 20.65 13.64
C LYS A 305 34.35 21.42 12.89
N MET B 21 -23.49 -25.65 -4.85
CA MET B 21 -22.35 -26.20 -5.63
C MET B 21 -21.57 -25.05 -6.27
N ALA B 22 -21.76 -24.88 -7.57
CA ALA B 22 -21.29 -23.72 -8.31
C ALA B 22 -22.49 -22.90 -8.76
N SER B 23 -23.69 -23.45 -8.56
CA SER B 23 -24.92 -22.85 -9.08
C SER B 23 -26.09 -23.08 -8.12
N ARG B 24 -26.89 -22.04 -7.92
CA ARG B 24 -28.15 -22.15 -7.17
C ARG B 24 -29.24 -21.31 -7.82
N PRO B 25 -29.78 -21.81 -8.96
CA PRO B 25 -30.77 -21.05 -9.69
C PRO B 25 -32.08 -20.94 -8.93
N ILE B 26 -32.66 -19.74 -8.96
CA ILE B 26 -33.93 -19.53 -8.29
C ILE B 26 -34.94 -18.82 -9.22
N LEU B 27 -36.12 -19.44 -9.33
CA LEU B 27 -37.16 -19.00 -10.25
C LEU B 27 -37.72 -17.65 -9.82
N ILE B 28 -37.82 -16.69 -10.74
CA ILE B 28 -38.23 -15.33 -10.36
C ILE B 28 -39.61 -15.28 -9.64
N LYS B 29 -40.56 -16.11 -10.09
CA LYS B 29 -41.88 -16.18 -9.44
C LYS B 29 -41.79 -16.59 -7.96
N ASN B 30 -40.67 -17.21 -7.58
CA ASN B 30 -40.44 -17.69 -6.22
C ASN B 30 -39.36 -16.93 -5.45
N PHE B 31 -38.93 -15.78 -5.96
CA PHE B 31 -37.83 -15.04 -5.34
C PHE B 31 -38.18 -14.39 -4.00
N ALA B 32 -39.41 -13.89 -3.86
CA ALA B 32 -39.89 -13.30 -2.62
C ALA B 32 -39.90 -14.32 -1.49
N GLU B 33 -40.35 -15.52 -1.81
CA GLU B 33 -40.35 -16.66 -0.89
C GLU B 33 -38.92 -17.08 -0.55
N HIS B 34 -38.06 -17.09 -1.57
CA HIS B 34 -36.66 -17.47 -1.41
C HIS B 34 -35.93 -16.49 -0.50
N TYR B 35 -36.23 -15.22 -0.63
CA TYR B 35 -35.61 -14.21 0.18
C TYR B 35 -36.06 -14.29 1.60
N ARG B 36 -37.36 -14.46 1.79
CA ARG B 36 -37.93 -14.58 3.14
C ARG B 36 -37.30 -15.71 3.95
N LEU B 37 -37.01 -16.84 3.30
CA LEU B 37 -36.41 -17.98 4.01
C LEU B 37 -34.87 -18.00 4.03
N MET B 38 -34.25 -17.17 3.19
CA MET B 38 -32.80 -16.94 3.28
C MET B 38 -32.52 -15.87 4.35
N SER B 39 -33.52 -15.02 4.57
CA SER B 39 -33.45 -13.89 5.48
C SER B 39 -33.83 -14.26 6.92
N ALA B 40 -34.49 -15.40 7.07
CA ALA B 40 -34.97 -15.89 8.33
C ALA B 40 -33.89 -16.19 9.35
N ASP B 41 -34.20 -15.99 10.62
CA ASP B 41 -33.31 -16.32 11.69
C ASP B 41 -32.04 -15.50 11.63
N SER B 42 -32.20 -14.20 11.51
CA SER B 42 -31.09 -13.25 11.32
C SER B 42 -30.13 -13.67 10.20
N ASP B 43 -30.69 -13.84 9.00
CA ASP B 43 -29.92 -14.14 7.79
C ASP B 43 -29.06 -15.40 7.91
N PHE B 44 -29.59 -16.45 8.52
CA PHE B 44 -28.83 -17.68 8.76
C PHE B 44 -28.41 -18.40 7.46
N ARG B 45 -29.36 -18.61 6.56
CA ARG B 45 -29.08 -19.28 5.30
C ARG B 45 -28.29 -18.40 4.33
N PHE B 46 -28.50 -17.08 4.40
CA PHE B 46 -27.69 -16.12 3.66
C PHE B 46 -26.24 -16.21 4.09
N SER B 47 -26.04 -16.34 5.41
CA SER B 47 -24.71 -16.39 6.01
C SER B 47 -23.99 -17.67 5.62
N GLU B 48 -24.71 -18.79 5.64
CA GLU B 48 -24.17 -20.09 5.26
C GLU B 48 -23.85 -20.15 3.77
N GLU B 49 -24.77 -19.64 2.95
CA GLU B 49 -24.57 -19.60 1.50
C GLU B 49 -23.36 -18.75 1.09
N PHE B 50 -23.22 -17.57 1.70
CA PHE B 50 -22.07 -16.71 1.38
C PHE B 50 -20.74 -17.35 1.78
N GLU B 51 -20.76 -18.12 2.87
CA GLU B 51 -19.57 -18.85 3.35
C GLU B 51 -19.04 -19.87 2.35
N GLU B 52 -19.95 -20.54 1.64
CA GLU B 52 -19.57 -21.58 0.68
C GLU B 52 -18.79 -21.05 -0.52
N LEU B 53 -18.75 -19.75 -0.70
CA LEU B 53 -18.06 -19.13 -1.82
C LEU B 53 -16.69 -18.68 -1.45
N LYS B 54 -16.40 -18.64 -0.19
CA LYS B 54 -15.14 -18.16 0.30
C LYS B 54 -13.85 -18.62 -0.39
N HIS B 55 -13.73 -19.88 -0.69
CA HIS B 55 -12.47 -20.36 -1.18
C HIS B 55 -12.39 -20.40 -2.67
N VAL B 56 -13.46 -20.08 -3.35
CA VAL B 56 -13.54 -20.19 -4.81
C VAL B 56 -12.49 -19.34 -5.52
N GLY B 57 -11.70 -20.01 -6.37
CA GLY B 57 -10.77 -19.35 -7.26
C GLY B 57 -9.47 -18.91 -6.62
N ARG B 58 -9.35 -19.07 -5.30
CA ARG B 58 -8.23 -18.49 -4.55
C ARG B 58 -6.90 -19.24 -4.72
N ASP B 59 -6.95 -20.41 -5.34
CA ASP B 59 -5.76 -21.22 -5.58
C ASP B 59 -5.05 -20.81 -6.87
N GLN B 60 -5.62 -19.86 -7.60
CA GLN B 60 -5.12 -19.48 -8.91
C GLN B 60 -3.91 -18.54 -8.80
N PRO B 61 -2.91 -18.71 -9.70
CA PRO B 61 -1.68 -17.92 -9.68
C PRO B 61 -1.88 -16.42 -9.93
N CYS B 62 -1.13 -15.62 -9.17
CA CYS B 62 -1.04 -14.17 -9.34
C CYS B 62 0.43 -13.77 -9.51
N THR B 63 1.11 -14.48 -10.40
CA THR B 63 2.55 -14.32 -10.62
C THR B 63 2.98 -12.87 -10.93
N PHE B 64 2.27 -12.22 -11.84
CA PHE B 64 2.69 -10.92 -12.36
C PHE B 64 2.47 -9.80 -11.34
N ALA B 65 1.38 -9.89 -10.59
CA ALA B 65 1.09 -8.96 -9.49
C ALA B 65 2.18 -9.01 -8.41
N ASP B 66 2.82 -10.17 -8.28
CA ASP B 66 3.88 -10.37 -7.29
C ASP B 66 5.28 -9.90 -7.69
N LEU B 67 5.49 -9.58 -8.96
CA LEU B 67 6.80 -9.08 -9.41
C LEU B 67 7.18 -7.81 -8.64
N PRO B 68 8.44 -7.72 -8.16
CA PRO B 68 8.85 -6.56 -7.35
C PRO B 68 8.49 -5.20 -7.93
N CYS B 69 8.64 -5.02 -9.24
CA CYS B 69 8.32 -3.74 -9.90
C CYS B 69 6.81 -3.43 -9.90
N ASN B 70 5.99 -4.44 -9.64
CA ASN B 70 4.54 -4.26 -9.65
C ASN B 70 3.93 -4.12 -8.25
N ARG B 71 4.69 -4.47 -7.22
CA ARG B 71 4.22 -4.35 -5.84
C ARG B 71 3.83 -2.92 -5.44
N PRO B 72 4.57 -1.89 -5.91
CA PRO B 72 4.14 -0.52 -5.62
C PRO B 72 2.82 -0.13 -6.29
N LYS B 73 2.33 -0.95 -7.20
CA LYS B 73 1.19 -0.59 -8.04
C LYS B 73 -0.13 -1.16 -7.53
N ASN B 74 -0.07 -1.90 -6.42
CA ASN B 74 -1.26 -2.51 -5.87
C ASN B 74 -1.72 -1.79 -4.62
N ARG B 75 -3.02 -1.53 -4.56
CA ARG B 75 -3.62 -0.85 -3.42
C ARG B 75 -3.62 -1.77 -2.21
N PHE B 76 -3.91 -3.05 -2.46
CA PHE B 76 -4.01 -4.03 -1.39
C PHE B 76 -3.21 -5.28 -1.68
N THR B 77 -2.56 -5.74 -0.62
CA THR B 77 -1.66 -6.88 -0.64
C THR B 77 -2.40 -8.22 -0.88
N ASN B 78 -3.67 -8.28 -0.49
CA ASN B 78 -4.46 -9.51 -0.67
C ASN B 78 -5.47 -9.38 -1.82
N ILE B 79 -5.35 -8.32 -2.61
CA ILE B 79 -6.20 -8.13 -3.78
C ILE B 79 -5.32 -8.03 -5.03
N LEU B 80 -4.95 -9.19 -5.56
CA LEU B 80 -4.07 -9.29 -6.71
C LEU B 80 -4.82 -9.91 -7.90
N PRO B 81 -4.58 -9.41 -9.12
CA PRO B 81 -5.28 -9.99 -10.28
C PRO B 81 -4.76 -11.39 -10.62
N TYR B 82 -5.68 -12.33 -10.85
CA TYR B 82 -5.30 -13.65 -11.36
C TYR B 82 -4.62 -13.50 -12.72
N ASP B 83 -3.53 -14.23 -12.91
CA ASP B 83 -2.79 -14.23 -14.17
C ASP B 83 -3.66 -14.48 -15.41
N HIS B 84 -4.51 -15.50 -15.33
CA HIS B 84 -5.24 -15.97 -16.51
C HIS B 84 -6.25 -14.94 -16.98
N SER B 85 -6.59 -14.02 -16.10
CA SER B 85 -7.72 -13.12 -16.25
C SER B 85 -7.30 -11.65 -16.41
N ARG B 86 -6.05 -11.34 -16.11
CA ARG B 86 -5.66 -9.95 -15.90
C ARG B 86 -5.69 -9.15 -17.20
N PHE B 87 -6.00 -7.87 -17.10
CA PHE B 87 -5.85 -6.99 -18.24
C PHE B 87 -4.37 -6.75 -18.50
N LYS B 88 -3.97 -6.85 -19.77
CA LYS B 88 -2.58 -6.64 -20.14
C LYS B 88 -2.43 -5.40 -20.99
N LEU B 89 -1.71 -4.42 -20.46
CA LEU B 89 -1.27 -3.27 -21.26
C LEU B 89 -0.29 -3.76 -22.30
N GLN B 90 -0.17 -3.02 -23.40
CA GLN B 90 0.89 -3.26 -24.37
C GLN B 90 2.23 -3.12 -23.67
N PRO B 91 3.09 -4.15 -23.78
CA PRO B 91 4.34 -4.09 -23.04
C PRO B 91 5.48 -3.46 -23.81
N VAL B 92 6.49 -3.02 -23.06
CA VAL B 92 7.81 -2.73 -23.61
C VAL B 92 8.61 -4.00 -23.37
N ASP B 93 9.14 -4.59 -24.44
CA ASP B 93 9.92 -5.81 -24.34
C ASP B 93 11.03 -5.63 -23.32
N ASP B 94 11.14 -6.60 -22.41
CA ASP B 94 12.18 -6.66 -21.39
C ASP B 94 12.01 -5.66 -20.23
N ASP B 95 10.92 -4.88 -20.26
CA ASP B 95 10.51 -4.07 -19.13
C ASP B 95 9.43 -4.85 -18.37
N GLU B 96 9.88 -5.51 -17.30
CA GLU B 96 9.11 -6.50 -16.54
C GLU B 96 7.64 -6.17 -16.26
N GLY B 97 7.39 -4.98 -15.72
CA GLY B 97 6.04 -4.62 -15.28
C GLY B 97 5.29 -3.68 -16.19
N SER B 98 5.76 -3.52 -17.42
CA SER B 98 5.19 -2.58 -18.37
C SER B 98 3.79 -2.97 -18.87
N ASP B 99 3.42 -4.24 -18.74
CA ASP B 99 2.09 -4.69 -19.14
C ASP B 99 1.08 -4.66 -17.99
N TYR B 100 1.52 -4.25 -16.81
CA TYR B 100 0.77 -4.54 -15.59
C TYR B 100 -0.17 -3.45 -15.08
N ILE B 101 -1.39 -3.88 -14.77
CA ILE B 101 -2.32 -3.08 -13.99
C ILE B 101 -3.16 -4.03 -13.12
N ASN B 102 -3.53 -3.58 -11.93
CA ASN B 102 -4.38 -4.39 -11.06
C ASN B 102 -5.81 -4.38 -11.58
N ALA B 103 -6.09 -5.30 -12.49
CA ALA B 103 -7.36 -5.33 -13.22
C ALA B 103 -7.61 -6.71 -13.83
N ASN B 104 -8.87 -7.13 -13.82
CA ASN B 104 -9.27 -8.38 -14.47
C ASN B 104 -10.51 -8.21 -15.32
N TYR B 105 -10.55 -8.91 -16.46
CA TYR B 105 -11.79 -9.12 -17.19
C TYR B 105 -12.73 -9.98 -16.36
N VAL B 106 -13.99 -9.60 -16.37
CA VAL B 106 -15.03 -10.21 -15.56
C VAL B 106 -16.28 -10.33 -16.42
N PRO B 107 -16.93 -11.51 -16.42
CA PRO B 107 -18.09 -11.71 -17.28
C PRO B 107 -19.29 -10.85 -16.90
N GLY B 108 -20.11 -10.57 -17.89
CA GLY B 108 -21.40 -9.93 -17.67
C GLY B 108 -22.47 -10.76 -18.35
N HIS B 109 -23.67 -10.20 -18.44
CA HIS B 109 -24.78 -10.85 -19.12
C HIS B 109 -24.51 -11.06 -20.61
N ASN B 110 -23.74 -10.14 -21.20
CA ASN B 110 -23.62 -10.06 -22.64
C ASN B 110 -22.31 -10.62 -23.21
N SER B 111 -21.29 -10.70 -22.37
CA SER B 111 -19.96 -11.10 -22.82
C SER B 111 -19.10 -11.65 -21.67
N PRO B 112 -18.28 -12.68 -21.95
CA PRO B 112 -17.34 -13.19 -20.95
C PRO B 112 -16.32 -12.12 -20.54
N ARG B 113 -16.12 -11.12 -21.39
CA ARG B 113 -15.18 -10.04 -21.10
C ARG B 113 -15.88 -8.68 -21.20
N GLU B 114 -17.11 -8.63 -20.69
CA GLU B 114 -17.91 -7.40 -20.73
C GLU B 114 -17.28 -6.31 -19.86
N PHE B 115 -16.72 -6.71 -18.73
CA PHE B 115 -16.17 -5.76 -17.78
C PHE B 115 -14.68 -5.93 -17.58
N ILE B 116 -14.01 -4.80 -17.32
CA ILE B 116 -12.67 -4.81 -16.78
C ILE B 116 -12.80 -4.22 -15.38
N VAL B 117 -12.68 -5.06 -14.36
CA VAL B 117 -12.72 -4.52 -13.01
C VAL B 117 -11.33 -4.31 -12.44
N THR B 118 -11.14 -3.12 -11.89
CA THR B 118 -9.84 -2.66 -11.50
C THR B 118 -9.97 -1.97 -10.14
N GLN B 119 -8.84 -1.78 -9.45
CA GLN B 119 -8.83 -1.05 -8.20
C GLN B 119 -8.99 0.42 -8.53
N GLY B 120 -9.36 1.22 -7.53
CA GLY B 120 -9.29 2.66 -7.65
C GLY B 120 -7.84 3.06 -7.90
N PRO B 121 -7.58 3.80 -8.99
CA PRO B 121 -6.20 4.15 -9.33
C PRO B 121 -5.47 4.84 -8.19
N LEU B 122 -4.17 4.59 -8.13
CA LEU B 122 -3.29 5.31 -7.23
C LEU B 122 -2.77 6.46 -8.06
N HIS B 123 -2.23 7.48 -7.39
CA HIS B 123 -1.60 8.61 -8.07
C HIS B 123 -0.55 8.11 -9.07
N SER B 124 0.21 7.10 -8.66
CA SER B 124 1.27 6.54 -9.50
C SER B 124 0.76 5.61 -10.62
N THR B 125 -0.51 5.21 -10.56
CA THR B 125 -1.05 4.32 -11.62
C THR B 125 -2.08 4.97 -12.56
N ARG B 126 -2.31 6.28 -12.40
CA ARG B 126 -3.24 7.05 -13.24
C ARG B 126 -3.00 6.88 -14.73
N ASP B 127 -1.74 7.02 -15.13
CA ASP B 127 -1.35 6.88 -16.53
C ASP B 127 -1.65 5.47 -17.03
N ASP B 128 -1.31 4.45 -16.23
CA ASP B 128 -1.63 3.07 -16.55
C ASP B 128 -3.13 2.89 -16.73
N PHE B 129 -3.91 3.50 -15.83
CA PHE B 129 -5.36 3.41 -15.89
C PHE B 129 -5.91 3.96 -17.22
N TRP B 130 -5.46 5.16 -17.59
CA TRP B 130 -5.95 5.79 -18.81
C TRP B 130 -5.47 5.04 -20.05
N ARG B 131 -4.26 4.48 -19.98
CA ARG B 131 -3.75 3.70 -21.10
C ARG B 131 -4.59 2.42 -21.28
N MET B 132 -5.06 1.85 -20.16
CA MET B 132 -5.96 0.70 -20.19
C MET B 132 -7.30 1.05 -20.83
N CYS B 133 -7.92 2.15 -20.40
CA CYS B 133 -9.14 2.64 -21.03
C CYS B 133 -8.96 2.80 -22.54
N TRP B 134 -7.83 3.38 -22.96
CA TRP B 134 -7.57 3.60 -24.39
C TRP B 134 -7.38 2.29 -25.15
N GLU B 135 -6.43 1.46 -24.71
CA GLU B 135 -6.06 0.24 -25.43
C GLU B 135 -7.16 -0.80 -25.44
N SER B 136 -7.99 -0.79 -24.39
CA SER B 136 -9.15 -1.69 -24.32
C SER B 136 -10.28 -1.26 -25.25
N ASN B 137 -10.22 -0.02 -25.73
CA ASN B 137 -11.29 0.56 -26.55
C ASN B 137 -12.58 0.83 -25.73
N SER B 138 -12.43 0.98 -24.42
CA SER B 138 -13.56 1.23 -23.52
C SER B 138 -14.21 2.60 -23.78
N ARG B 139 -15.54 2.65 -23.66
CA ARG B 139 -16.26 3.92 -23.76
C ARG B 139 -16.99 4.28 -22.48
N ALA B 140 -16.81 3.45 -21.43
CA ALA B 140 -17.49 3.70 -20.17
C ALA B 140 -16.68 3.29 -18.94
N ILE B 141 -16.75 4.13 -17.91
CA ILE B 141 -16.21 3.84 -16.59
C ILE B 141 -17.33 3.97 -15.59
N VAL B 142 -17.45 2.97 -14.74
CA VAL B 142 -18.34 2.99 -13.60
C VAL B 142 -17.48 3.13 -12.35
N MET B 143 -17.73 4.19 -11.58
CA MET B 143 -17.00 4.44 -10.35
C MET B 143 -17.95 4.38 -9.16
N LEU B 144 -17.68 3.46 -8.25
CA LEU B 144 -18.61 3.16 -7.17
C LEU B 144 -18.10 3.62 -5.81
N THR B 145 -17.25 4.63 -5.82
CA THR B 145 -16.63 5.13 -4.60
C THR B 145 -16.45 6.64 -4.70
N ARG B 146 -16.45 7.32 -3.56
CA ARG B 146 -15.93 8.68 -3.48
C ARG B 146 -14.42 8.58 -3.25
N CYS B 147 -13.67 9.63 -3.57
CA CYS B 147 -12.22 9.61 -3.40
C CYS B 147 -11.80 9.49 -1.93
N PHE B 148 -12.57 10.12 -1.05
CA PHE B 148 -12.37 10.02 0.39
C PHE B 148 -13.69 9.66 1.06
N GLU B 149 -13.67 8.61 1.87
CA GLU B 149 -14.82 8.19 2.66
C GLU B 149 -14.37 7.83 4.06
N LYS B 150 -15.03 8.42 5.06
CA LYS B 150 -14.80 8.09 6.47
C LYS B 150 -13.35 8.37 6.89
N GLY B 151 -12.81 9.48 6.39
CA GLY B 151 -11.42 9.86 6.64
C GLY B 151 -10.37 8.97 5.98
N ARG B 152 -10.74 8.21 4.95
CA ARG B 152 -9.80 7.33 4.25
C ARG B 152 -9.72 7.67 2.76
N GLU B 153 -8.49 7.65 2.22
CA GLU B 153 -8.29 7.76 0.78
C GLU B 153 -8.74 6.43 0.18
N LYS B 154 -9.75 6.50 -0.70
CA LYS B 154 -10.27 5.31 -1.35
C LYS B 154 -9.84 5.23 -2.81
N CYS B 155 -9.59 6.41 -3.39
CA CYS B 155 -9.28 6.52 -4.80
C CYS B 155 -8.59 7.84 -5.07
N ASP B 156 -7.55 7.82 -5.90
CA ASP B 156 -6.94 9.06 -6.35
C ASP B 156 -7.90 9.72 -7.34
N GLN B 157 -7.91 11.05 -7.37
CA GLN B 157 -8.70 11.72 -8.39
C GLN B 157 -7.92 11.72 -9.70
N TYR B 158 -8.28 10.77 -10.56
CA TYR B 158 -7.52 10.48 -11.77
C TYR B 158 -7.99 11.28 -12.98
N TRP B 159 -9.05 12.05 -12.79
CA TRP B 159 -9.61 12.85 -13.86
C TRP B 159 -9.48 14.34 -13.54
N PRO B 160 -9.45 15.20 -14.58
CA PRO B 160 -9.19 16.64 -14.39
C PRO B 160 -10.22 17.38 -13.51
N ASN B 161 -9.78 18.48 -12.90
CA ASN B 161 -10.65 19.31 -12.05
C ASN B 161 -11.47 20.36 -12.80
N ASP B 162 -11.12 20.57 -14.07
CA ASP B 162 -11.81 21.55 -14.91
C ASP B 162 -11.79 21.11 -16.37
N THR B 163 -12.15 22.04 -17.26
CA THR B 163 -12.33 21.75 -18.68
C THR B 163 -11.03 21.82 -19.48
N VAL B 164 -9.95 22.24 -18.83
CA VAL B 164 -8.62 22.25 -19.45
C VAL B 164 -8.15 20.80 -19.66
N PRO B 165 -7.73 20.47 -20.89
CA PRO B 165 -7.24 19.11 -21.17
C PRO B 165 -5.97 18.79 -20.38
N VAL B 166 -5.86 17.54 -19.94
CA VAL B 166 -4.68 17.05 -19.22
C VAL B 166 -4.16 15.78 -19.89
N PHE B 167 -2.86 15.70 -20.10
CA PHE B 167 -2.21 14.49 -20.57
C PHE B 167 -1.88 13.56 -19.41
N TYR B 168 -2.34 12.31 -19.52
CA TYR B 168 -1.87 11.23 -18.66
C TYR B 168 -1.11 10.29 -19.57
N GLY B 169 0.21 10.43 -19.60
CA GLY B 169 1.04 9.72 -20.56
C GLY B 169 0.84 10.29 -21.96
N ASP B 170 0.55 9.41 -22.92
CA ASP B 170 0.21 9.82 -24.29
C ASP B 170 -1.27 10.16 -24.45
N ILE B 171 -2.07 9.88 -23.42
CA ILE B 171 -3.53 10.03 -23.52
C ILE B 171 -4.02 11.40 -23.03
N LYS B 172 -4.53 12.20 -23.96
CA LYS B 172 -5.13 13.48 -23.63
C LYS B 172 -6.57 13.25 -23.18
N VAL B 173 -6.91 13.82 -22.04
CA VAL B 173 -8.22 13.66 -21.42
C VAL B 173 -8.79 15.03 -21.12
N GLN B 174 -10.03 15.27 -21.54
CA GLN B 174 -10.71 16.55 -21.27
C GLN B 174 -12.20 16.38 -21.01
N ILE B 175 -12.75 17.22 -20.13
CA ILE B 175 -14.16 17.15 -19.77
C ILE B 175 -15.02 17.90 -20.79
N LEU B 176 -16.02 17.22 -21.35
CA LEU B 176 -16.92 17.81 -22.33
C LEU B 176 -18.26 18.24 -21.72
N ASN B 177 -18.63 17.61 -20.61
CA ASN B 177 -19.93 17.80 -19.99
C ASN B 177 -20.02 17.02 -18.68
N ASP B 178 -20.76 17.57 -17.73
CA ASP B 178 -21.04 16.88 -16.49
C ASP B 178 -22.51 17.01 -16.16
N SER B 179 -23.12 15.91 -15.73
CA SER B 179 -24.52 15.90 -15.35
C SER B 179 -24.67 15.37 -13.93
N HIS B 180 -25.38 16.13 -13.10
CA HIS B 180 -25.52 15.81 -11.68
C HIS B 180 -26.90 15.26 -11.33
N TYR B 181 -26.90 14.14 -10.63
CA TYR B 181 -28.13 13.49 -10.20
C TYR B 181 -28.11 13.30 -8.69
N ALA B 182 -29.19 12.75 -8.14
CA ALA B 182 -29.31 12.55 -6.70
C ALA B 182 -28.21 11.65 -6.18
N ASP B 183 -27.97 10.55 -6.88
CA ASP B 183 -27.08 9.51 -6.37
C ASP B 183 -25.79 9.35 -7.15
N TRP B 184 -25.65 10.10 -8.24
CA TRP B 184 -24.49 9.95 -9.11
C TRP B 184 -24.21 11.16 -9.98
N VAL B 185 -23.03 11.15 -10.59
CA VAL B 185 -22.56 12.19 -11.49
C VAL B 185 -22.07 11.52 -12.78
N MET B 186 -22.54 12.03 -13.90
CA MET B 186 -22.13 11.56 -15.22
C MET B 186 -21.16 12.57 -15.80
N THR B 187 -19.96 12.13 -16.12
CA THR B 187 -18.96 12.99 -16.75
C THR B 187 -18.61 12.44 -18.11
N GLU B 188 -18.69 13.30 -19.12
CA GLU B 188 -18.34 12.93 -20.48
C GLU B 188 -16.97 13.49 -20.87
N PHE B 189 -16.07 12.59 -21.25
CA PHE B 189 -14.70 12.94 -21.57
C PHE B 189 -14.46 12.76 -23.07
N MET B 190 -13.60 13.59 -23.65
CA MET B 190 -12.92 13.22 -24.89
C MET B 190 -11.53 12.69 -24.55
N LEU B 191 -11.21 11.53 -25.10
CA LEU B 191 -9.87 10.96 -25.00
C LEU B 191 -9.22 11.04 -26.36
N CYS B 192 -7.99 11.57 -26.40
CA CYS B 192 -7.22 11.61 -27.64
C CYS B 192 -5.86 10.98 -27.44
N ARG B 193 -5.38 10.31 -28.48
CA ARG B 193 -4.01 9.83 -28.48
C ARG B 193 -3.23 10.37 -29.67
N GLY B 194 -3.49 9.85 -30.87
CA GLY B 194 -2.82 10.40 -32.05
C GLY B 194 -3.58 11.65 -32.45
N SER B 195 -4.25 11.56 -33.59
CA SER B 195 -5.30 12.50 -33.96
C SER B 195 -6.62 11.78 -33.76
N GLU B 196 -6.55 10.64 -33.07
CA GLU B 196 -7.69 9.76 -32.82
C GLU B 196 -8.45 10.21 -31.57
N GLN B 197 -9.77 10.34 -31.71
CA GLN B 197 -10.61 10.88 -30.63
C GLN B 197 -11.71 9.90 -30.26
N ARG B 198 -12.02 9.85 -28.97
CA ARG B 198 -13.09 9.00 -28.45
C ARG B 198 -13.85 9.69 -27.34
N ILE B 199 -15.16 9.47 -27.31
CA ILE B 199 -15.99 9.90 -26.18
C ILE B 199 -16.07 8.75 -25.19
N LEU B 200 -15.74 9.05 -23.94
CA LEU B 200 -15.89 8.07 -22.88
C LEU B 200 -16.83 8.65 -21.83
N ARG B 201 -17.69 7.80 -21.29
CA ARG B 201 -18.65 8.21 -20.27
C ARG B 201 -18.35 7.62 -18.89
N HIS B 202 -18.40 8.48 -17.88
CA HIS B 202 -17.95 8.16 -16.53
C HIS B 202 -19.13 8.27 -15.58
N PHE B 203 -19.55 7.12 -15.05
CA PHE B 203 -20.70 7.02 -14.17
C PHE B 203 -20.21 6.88 -12.75
N HIS B 204 -20.34 7.96 -11.99
CA HIS B 204 -19.78 8.03 -10.67
C HIS B 204 -20.89 7.97 -9.62
N PHE B 205 -21.10 6.79 -9.06
CA PHE B 205 -22.03 6.63 -7.94
C PHE B 205 -21.40 7.27 -6.69
N THR B 206 -22.06 8.30 -6.16
CA THR B 206 -21.42 9.14 -5.16
C THR B 206 -22.01 8.95 -3.77
N THR B 207 -22.93 8.01 -3.65
CA THR B 207 -23.80 8.00 -2.49
C THR B 207 -23.74 6.73 -1.63
N TRP B 208 -22.88 5.78 -2.00
CA TRP B 208 -22.65 4.60 -1.17
C TRP B 208 -22.22 5.04 0.22
N PRO B 209 -22.91 4.55 1.27
CA PRO B 209 -22.62 5.03 2.64
C PRO B 209 -21.29 4.53 3.17
N ASP B 210 -20.68 5.32 4.05
CA ASP B 210 -19.39 4.98 4.66
C ASP B 210 -19.41 3.58 5.28
N PHE B 211 -20.47 3.30 6.04
CA PHE B 211 -20.65 1.99 6.67
C PHE B 211 -21.91 1.33 6.12
N GLY B 212 -21.76 0.10 5.64
CA GLY B 212 -22.90 -0.70 5.13
C GLY B 212 -23.13 -0.56 3.63
N VAL B 213 -24.38 -0.80 3.22
CA VAL B 213 -24.79 -0.75 1.82
C VAL B 213 -25.92 0.30 1.66
N PRO B 214 -26.24 0.73 0.42
CA PRO B 214 -27.27 1.78 0.27
C PRO B 214 -28.58 1.40 0.98
N ASN B 215 -29.04 2.29 1.88
CA ASN B 215 -30.03 1.91 2.89
C ASN B 215 -31.51 2.10 2.52
N PRO B 216 -31.78 2.84 1.42
CA PRO B 216 -32.85 2.34 0.59
C PRO B 216 -32.16 1.76 -0.64
N PRO B 217 -32.23 0.42 -0.81
CA PRO B 217 -31.51 -0.24 -1.90
C PRO B 217 -31.86 0.32 -3.28
N GLN B 218 -33.03 0.97 -3.36
CA GLN B 218 -33.52 1.61 -4.58
C GLN B 218 -32.53 2.59 -5.22
N THR B 219 -31.74 3.26 -4.40
CA THR B 219 -30.73 4.21 -4.88
C THR B 219 -29.72 3.54 -5.81
N LEU B 220 -29.27 2.34 -5.46
CA LEU B 220 -28.36 1.59 -6.32
C LEU B 220 -29.05 1.07 -7.58
N VAL B 221 -30.27 0.55 -7.41
CA VAL B 221 -31.08 0.09 -8.54
C VAL B 221 -31.31 1.20 -9.56
N ARG B 222 -31.62 2.39 -9.07
CA ARG B 222 -31.83 3.56 -9.91
C ARG B 222 -30.59 3.84 -10.77
N PHE B 223 -29.42 3.82 -10.13
CA PHE B 223 -28.14 4.01 -10.79
C PHE B 223 -27.88 2.96 -11.89
N VAL B 224 -28.15 1.70 -11.56
CA VAL B 224 -27.95 0.61 -12.51
C VAL B 224 -28.88 0.77 -13.71
N ARG B 225 -30.12 1.19 -13.45
CA ARG B 225 -31.07 1.46 -14.53
C ARG B 225 -30.57 2.56 -15.45
N ALA B 226 -30.12 3.66 -14.87
CA ALA B 226 -29.61 4.82 -15.59
C ALA B 226 -28.37 4.49 -16.40
N PHE B 227 -27.48 3.68 -15.83
CA PHE B 227 -26.29 3.23 -16.55
C PHE B 227 -26.69 2.41 -17.77
N ARG B 228 -27.53 1.40 -17.54
CA ARG B 228 -27.95 0.49 -18.60
C ARG B 228 -28.85 1.17 -19.65
N ASP B 229 -29.45 2.31 -19.28
CA ASP B 229 -30.21 3.13 -20.21
C ASP B 229 -29.29 3.89 -21.18
N ARG B 230 -28.10 4.27 -20.72
CA ARG B 230 -27.13 4.98 -21.56
C ARG B 230 -26.21 4.08 -22.38
N ILE B 231 -25.88 2.92 -21.82
CA ILE B 231 -24.91 2.00 -22.42
C ILE B 231 -25.59 0.72 -22.94
N GLY B 232 -25.79 0.69 -24.24
CA GLY B 232 -26.52 -0.41 -24.80
C GLY B 232 -25.80 -1.66 -24.43
N ALA B 233 -26.51 -2.76 -24.51
CA ALA B 233 -25.96 -4.03 -24.15
C ALA B 233 -24.85 -4.52 -25.05
N GLU B 234 -24.42 -3.71 -26.00
CA GLU B 234 -23.38 -4.11 -26.93
C GLU B 234 -22.00 -3.47 -26.76
N GLN B 235 -21.94 -2.48 -25.88
CA GLN B 235 -20.77 -1.75 -25.46
C GLN B 235 -19.62 -2.63 -25.04
N ARG B 236 -18.47 -2.38 -25.71
CA ARG B 236 -17.14 -2.99 -25.58
C ARG B 236 -16.85 -3.14 -24.17
N PRO B 237 -15.62 -3.33 -23.78
CA PRO B 237 -15.41 -3.42 -22.36
C PRO B 237 -15.87 -2.20 -21.58
N ILE B 238 -16.54 -2.40 -20.48
CA ILE B 238 -16.85 -1.37 -19.49
C ILE B 238 -15.86 -1.48 -18.33
N VAL B 239 -15.18 -0.40 -17.99
CA VAL B 239 -14.30 -0.37 -16.83
C VAL B 239 -15.12 -0.08 -15.57
N VAL B 240 -14.87 -0.86 -14.51
CA VAL B 240 -15.60 -0.74 -13.25
C VAL B 240 -14.60 -0.76 -12.10
N HIS B 241 -14.73 0.19 -11.18
CA HIS B 241 -13.91 0.20 -9.99
C HIS B 241 -14.58 0.84 -8.81
N CYS B 242 -14.19 0.37 -7.63
CA CYS B 242 -14.46 1.04 -6.37
C CYS B 242 -13.08 1.33 -5.79
N SER B 243 -12.82 0.92 -4.56
CA SER B 243 -11.48 1.13 -4.01
C SER B 243 -10.59 -0.07 -4.30
N ALA B 244 -10.93 -1.22 -3.74
CA ALA B 244 -10.20 -2.46 -4.02
C ALA B 244 -10.60 -3.04 -5.37
N GLY B 245 -11.80 -2.68 -5.83
CA GLY B 245 -12.33 -3.20 -7.08
C GLY B 245 -12.82 -4.63 -6.96
N VAL B 246 -13.48 -4.94 -5.84
CA VAL B 246 -14.04 -6.28 -5.62
C VAL B 246 -15.47 -6.23 -5.03
N GLY B 247 -15.65 -5.47 -3.95
CA GLY B 247 -16.92 -5.44 -3.22
C GLY B 247 -18.08 -4.78 -3.94
N ARG B 248 -18.01 -3.45 -4.07
CA ARG B 248 -19.06 -2.69 -4.73
C ARG B 248 -19.12 -3.01 -6.22
N SER B 249 -17.94 -3.16 -6.82
CA SER B 249 -17.81 -3.55 -8.21
C SER B 249 -18.57 -4.84 -8.50
N GLY B 250 -18.42 -5.84 -7.64
CA GLY B 250 -19.10 -7.12 -7.79
C GLY B 250 -20.61 -7.01 -7.61
N THR B 251 -21.01 -6.18 -6.65
CA THR B 251 -22.40 -5.94 -6.32
C THR B 251 -23.08 -5.29 -7.51
N PHE B 252 -22.44 -4.25 -8.04
CA PHE B 252 -22.94 -3.52 -9.20
C PHE B 252 -23.09 -4.43 -10.41
N ILE B 253 -22.05 -5.21 -10.70
CA ILE B 253 -22.06 -6.09 -11.88
C ILE B 253 -23.14 -7.18 -11.79
N THR B 254 -23.27 -7.81 -10.62
CA THR B 254 -24.29 -8.86 -10.42
C THR B 254 -25.69 -8.29 -10.60
N LEU B 255 -25.94 -7.15 -9.97
CA LEU B 255 -27.24 -6.48 -10.08
C LEU B 255 -27.52 -6.08 -11.53
N ASP B 256 -26.55 -5.46 -12.19
CA ASP B 256 -26.71 -5.10 -13.60
C ASP B 256 -27.04 -6.33 -14.45
N ARG B 257 -26.37 -7.43 -14.14
CA ARG B 257 -26.55 -8.66 -14.89
C ARG B 257 -27.95 -9.25 -14.70
N ILE B 258 -28.40 -9.34 -13.46
CA ILE B 258 -29.71 -9.94 -13.18
C ILE B 258 -30.89 -9.06 -13.63
N LEU B 259 -30.70 -7.74 -13.63
CA LEU B 259 -31.76 -6.84 -14.09
C LEU B 259 -32.00 -6.93 -15.60
N GLN B 260 -30.96 -7.31 -16.34
CA GLN B 260 -31.13 -7.61 -17.77
C GLN B 260 -31.72 -8.99 -17.96
N GLN B 261 -31.28 -9.94 -17.14
CA GLN B 261 -31.70 -11.33 -17.28
C GLN B 261 -33.20 -11.53 -17.04
N ILE B 262 -33.77 -10.77 -16.10
CA ILE B 262 -35.17 -10.97 -15.70
C ILE B 262 -36.23 -10.63 -16.74
N ASN B 263 -35.90 -9.81 -17.74
CA ASN B 263 -36.86 -9.62 -18.83
C ASN B 263 -36.65 -10.54 -20.04
N THR B 264 -35.74 -11.51 -19.87
CA THR B 264 -35.44 -12.49 -20.91
C THR B 264 -35.56 -13.95 -20.43
N SER B 265 -35.34 -14.19 -19.14
CA SER B 265 -35.40 -15.53 -18.59
C SER B 265 -36.40 -15.61 -17.44
N ASP B 266 -36.60 -16.82 -16.91
CA ASP B 266 -37.53 -17.05 -15.82
C ASP B 266 -36.81 -17.24 -14.48
N TYR B 267 -35.50 -17.09 -14.49
CA TYR B 267 -34.71 -17.35 -13.30
C TYR B 267 -33.56 -16.38 -13.11
N VAL B 268 -32.98 -16.43 -11.93
CA VAL B 268 -31.80 -15.68 -11.58
C VAL B 268 -30.92 -16.60 -10.74
N ASP B 269 -29.63 -16.58 -11.00
CA ASP B 269 -28.65 -17.39 -10.26
C ASP B 269 -27.55 -16.49 -9.69
N ILE B 270 -27.92 -15.72 -8.68
CA ILE B 270 -27.01 -14.78 -8.01
C ILE B 270 -25.76 -15.50 -7.48
N PHE B 271 -25.97 -16.62 -6.80
CA PHE B 271 -24.88 -17.45 -6.28
C PHE B 271 -23.94 -17.91 -7.39
N GLY B 272 -24.50 -18.45 -8.46
CA GLY B 272 -23.73 -18.87 -9.63
C GLY B 272 -22.94 -17.74 -10.26
N ILE B 273 -23.53 -16.54 -10.26
CA ILE B 273 -22.86 -15.36 -10.82
C ILE B 273 -21.67 -14.94 -9.96
N VAL B 274 -21.87 -14.84 -8.66
CA VAL B 274 -20.78 -14.48 -7.75
C VAL B 274 -19.67 -15.53 -7.83
N TYR B 275 -20.07 -16.81 -7.86
CA TYR B 275 -19.15 -17.93 -8.02
C TYR B 275 -18.28 -17.79 -9.27
N ALA B 276 -18.92 -17.53 -10.40
CA ALA B 276 -18.22 -17.34 -11.67
C ALA B 276 -17.28 -16.15 -11.63
N MET B 277 -17.71 -15.08 -10.96
CA MET B 277 -16.89 -13.86 -10.85
C MET B 277 -15.65 -14.09 -10.00
N ARG B 278 -15.80 -14.87 -8.93
CA ARG B 278 -14.69 -15.19 -8.01
C ARG B 278 -13.58 -15.96 -8.70
N LYS B 279 -13.92 -16.65 -9.78
CA LYS B 279 -12.94 -17.34 -10.59
C LYS B 279 -12.10 -16.37 -11.42
N GLU B 280 -12.65 -15.20 -11.71
CA GLU B 280 -12.00 -14.26 -12.60
C GLU B 280 -11.27 -13.17 -11.84
N ARG B 281 -11.76 -12.83 -10.66
CA ARG B 281 -11.09 -11.86 -9.78
C ARG B 281 -11.41 -12.16 -8.33
N VAL B 282 -10.39 -12.09 -7.50
CA VAL B 282 -10.51 -12.35 -6.06
C VAL B 282 -11.60 -11.49 -5.39
N TRP B 283 -12.36 -12.12 -4.48
CA TRP B 283 -13.31 -11.44 -3.58
C TRP B 283 -14.49 -10.66 -4.19
N MET B 284 -14.77 -10.92 -5.43
CA MET B 284 -15.77 -10.20 -6.14
C MET B 284 -17.02 -9.77 -5.40
N VAL B 285 -17.79 -10.59 -4.74
CA VAL B 285 -18.69 -9.81 -3.87
C VAL B 285 -18.11 -9.91 -2.47
N GLN B 286 -17.76 -8.81 -1.86
CA GLN B 286 -16.88 -8.88 -0.71
C GLN B 286 -17.47 -9.27 0.64
N THR B 287 -18.60 -8.72 0.96
CA THR B 287 -19.22 -8.99 2.26
C THR B 287 -20.59 -9.66 2.15
N GLU B 288 -21.01 -10.30 3.24
CA GLU B 288 -22.34 -10.88 3.36
C GLU B 288 -23.44 -9.84 3.11
N GLN B 289 -23.23 -8.64 3.65
CA GLN B 289 -24.23 -7.56 3.53
C GLN B 289 -24.41 -7.12 2.06
N GLN B 290 -23.31 -7.08 1.30
CA GLN B 290 -23.40 -6.77 -0.13
C GLN B 290 -24.12 -7.87 -0.90
N TYR B 291 -23.88 -9.12 -0.50
CA TYR B 291 -24.52 -10.27 -1.13
C TYR B 291 -26.03 -10.25 -0.90
N ILE B 292 -26.44 -9.99 0.34
CA ILE B 292 -27.84 -9.77 0.71
C ILE B 292 -28.44 -8.58 -0.05
N CYS B 293 -27.67 -7.50 -0.16
CA CYS B 293 -28.09 -6.29 -0.85
C CYS B 293 -28.51 -6.55 -2.31
N ILE B 294 -27.74 -7.39 -3.00
CA ILE B 294 -28.08 -7.81 -4.36
C ILE B 294 -29.49 -8.41 -4.40
N HIS B 295 -29.80 -9.26 -3.43
CA HIS B 295 -31.12 -9.88 -3.31
C HIS B 295 -32.22 -8.85 -2.98
N GLN B 296 -31.93 -7.89 -2.09
CA GLN B 296 -32.90 -6.85 -1.72
C GLN B 296 -33.24 -6.02 -2.95
N CYS B 297 -32.21 -5.66 -3.70
CA CYS B 297 -32.38 -4.89 -4.92
C CYS B 297 -33.31 -5.55 -5.94
N LEU B 298 -33.08 -6.83 -6.25
CA LEU B 298 -33.94 -7.56 -7.17
C LEU B 298 -35.37 -7.65 -6.65
N LEU B 299 -35.51 -8.00 -5.36
CA LEU B 299 -36.80 -8.07 -4.71
C LEU B 299 -37.58 -6.76 -4.85
N ALA B 300 -36.89 -5.64 -4.68
CA ALA B 300 -37.50 -4.33 -4.84
C ALA B 300 -38.06 -4.14 -6.25
N VAL B 301 -37.32 -4.63 -7.24
CA VAL B 301 -37.72 -4.53 -8.65
C VAL B 301 -38.92 -5.42 -8.96
N LEU B 302 -38.94 -6.62 -8.38
CA LEU B 302 -40.01 -7.59 -8.64
C LEU B 302 -41.34 -7.23 -7.95
N GLU B 303 -41.27 -6.34 -6.96
CA GLU B 303 -42.44 -5.93 -6.18
C GLU B 303 -42.92 -4.50 -6.49
N GLY B 304 -42.34 -3.85 -7.50
CA GLY B 304 -42.54 -2.40 -7.70
C GLY B 304 -41.58 -1.64 -6.80
N LYS B 305 -40.71 -0.82 -7.42
CA LYS B 305 -39.58 -0.14 -6.74
C LYS B 305 -39.68 0.03 -5.23
#